data_2ARU
#
_entry.id   2ARU
#
_cell.length_a   108.532
_cell.length_b   62.809
_cell.length_c   46.448
_cell.angle_alpha   90.00
_cell.angle_beta   111.34
_cell.angle_gamma   90.00
#
_symmetry.space_group_name_H-M   'C 1 2 1'
#
loop_
_entity.id
_entity.type
_entity.pdbx_description
1 polymer 'Lipoate-protein ligase A'
2 non-polymer 'MAGNESIUM ION'
3 non-polymer "ADENOSINE-5'-TRIPHOSPHATE"
4 water water
#
_entity_poly.entity_id   1
_entity_poly.type   'polypeptide(L)'
_entity_poly.pdbx_seq_one_letter_code
;MEGRLLLLETPGNTRMSLAYDEAIYRSFQYGDKPILRFYRHDRSVIIGYFQVAEEEVDLDYMKKNGIMLARRYTGGGAVY
HDLGDLNFSVVRSSDDMDITSMFRTMNEAVVNSLRILGLDARPGELNDVSIPVNKKTDIMAGEKKIMGAAGAMRKGAKLW
HAAMLVHTDLDMLSAVLKVPDEKFRDKIAKSTRERVANVTDFVDVSIDEVRNALIRGFSETLHIDFREDTITEKEESLAR
ELFDKKYSTEEWNMGLLRKEVV
;
_entity_poly.pdbx_strand_id   A
#
loop_
_chem_comp.id
_chem_comp.type
_chem_comp.name
_chem_comp.formula
ATP non-polymer ADENOSINE-5'-TRIPHOSPHATE 'C10 H16 N5 O13 P3'
MG non-polymer 'MAGNESIUM ION' 'Mg 2'
#
# COMPACT_ATOMS: atom_id res chain seq x y z
N MET A 1 -11.56 20.27 4.96
CA MET A 1 -11.45 20.15 3.47
C MET A 1 -10.01 20.36 3.00
N GLU A 2 -9.13 20.73 3.91
CA GLU A 2 -7.73 20.94 3.57
C GLU A 2 -6.97 19.66 3.89
N GLY A 3 -6.02 19.28 3.03
CA GLY A 3 -5.30 18.05 3.30
C GLY A 3 -3.80 18.05 3.07
N ARG A 4 -3.15 17.04 3.63
CA ARG A 4 -1.71 16.92 3.54
C ARG A 4 -1.22 15.88 2.53
N LEU A 5 -0.49 16.33 1.53
CA LEU A 5 0.08 15.45 0.52
C LEU A 5 1.54 15.22 0.90
N LEU A 6 1.86 14.02 1.38
CA LEU A 6 3.23 13.73 1.77
C LEU A 6 3.98 12.85 0.78
N LEU A 7 4.97 13.42 0.09
CA LEU A 7 5.77 12.65 -0.84
C LEU A 7 6.99 12.19 -0.03
N LEU A 8 6.72 11.35 0.97
CA LEU A 8 7.75 10.85 1.88
C LEU A 8 8.20 9.43 1.61
N GLU A 9 9.43 9.28 1.14
CA GLU A 9 9.97 7.96 0.85
C GLU A 9 11.14 7.57 1.72
N THR A 10 11.68 6.38 1.44
CA THR A 10 12.83 5.84 2.16
C THR A 10 13.35 4.66 1.34
N PRO A 11 13.45 4.83 0.00
CA PRO A 11 13.94 3.70 -0.80
C PRO A 11 15.26 3.17 -0.24
N GLY A 12 15.46 1.86 -0.37
CA GLY A 12 16.66 1.25 0.15
C GLY A 12 16.36 0.65 1.50
N ASN A 13 15.33 1.17 2.16
CA ASN A 13 14.93 0.68 3.47
C ASN A 13 13.41 0.55 3.59
N THR A 14 12.90 -0.61 3.18
CA THR A 14 11.47 -0.86 3.22
C THR A 14 10.92 -0.82 4.64
N ARG A 15 11.68 -1.37 5.58
CA ARG A 15 11.27 -1.40 6.98
C ARG A 15 11.02 -0.02 7.59
N MET A 16 11.87 0.95 7.26
CA MET A 16 11.68 2.30 7.77
C MET A 16 10.45 2.93 7.09
N SER A 17 10.27 2.60 5.82
CA SER A 17 9.14 3.14 5.07
C SER A 17 7.82 2.74 5.71
N LEU A 18 7.69 1.48 6.09
CA LEU A 18 6.47 1.00 6.73
C LEU A 18 6.31 1.71 8.09
N ALA A 19 7.44 1.93 8.77
CA ALA A 19 7.40 2.63 10.05
C ALA A 19 6.75 4.01 9.90
N TYR A 20 7.05 4.73 8.82
CA TYR A 20 6.48 6.04 8.60
C TYR A 20 4.97 5.95 8.59
N ASP A 21 4.46 4.94 7.89
CA ASP A 21 3.04 4.72 7.79
C ASP A 21 2.37 4.62 9.16
N GLU A 22 2.85 3.70 9.97
CA GLU A 22 2.27 3.50 11.29
C GLU A 22 2.46 4.74 12.16
N ALA A 23 3.50 5.49 11.85
CA ALA A 23 3.81 6.70 12.59
C ALA A 23 2.78 7.80 12.32
N ILE A 24 2.46 8.02 11.05
CA ILE A 24 1.49 9.03 10.68
C ILE A 24 0.10 8.56 11.10
N TYR A 25 -0.08 7.25 11.18
CA TYR A 25 -1.35 6.70 11.60
C TYR A 25 -1.53 6.84 13.12
N ARG A 26 -0.51 6.45 13.88
CA ARG A 26 -0.60 6.52 15.34
C ARG A 26 -0.55 7.92 15.94
N SER A 27 0.22 8.83 15.35
CA SER A 27 0.29 10.18 15.88
C SER A 27 -1.01 10.93 15.63
N PHE A 28 -1.66 10.57 14.53
CA PHE A 28 -2.90 11.21 14.13
C PHE A 28 -3.96 11.27 15.23
N GLN A 29 -4.64 12.41 15.33
CA GLN A 29 -5.69 12.58 16.31
C GLN A 29 -6.96 13.02 15.58
N TYR A 30 -8.11 12.55 16.04
CA TYR A 30 -9.38 12.92 15.44
C TYR A 30 -9.43 14.42 15.19
N GLY A 31 -9.68 14.82 13.94
CA GLY A 31 -9.74 16.23 13.62
C GLY A 31 -8.57 16.82 12.86
N ASP A 32 -7.44 16.13 12.82
CA ASP A 32 -6.27 16.61 12.07
C ASP A 32 -6.59 16.67 10.58
N LYS A 33 -5.63 17.14 9.79
CA LYS A 33 -5.85 17.22 8.35
C LYS A 33 -5.65 15.83 7.76
N PRO A 34 -6.51 15.45 6.81
CA PRO A 34 -6.40 14.14 6.16
C PRO A 34 -5.00 14.02 5.57
N ILE A 35 -4.47 12.80 5.47
CA ILE A 35 -3.13 12.61 4.92
C ILE A 35 -3.10 11.63 3.74
N LEU A 36 -2.39 12.02 2.69
CA LEU A 36 -2.23 11.19 1.51
C LEU A 36 -0.72 11.05 1.25
N ARG A 37 -0.20 9.85 1.48
CA ARG A 37 1.23 9.61 1.30
C ARG A 37 1.55 8.75 0.09
N PHE A 38 2.52 9.21 -0.72
CA PHE A 38 2.98 8.46 -1.88
C PHE A 38 4.43 8.04 -1.61
N TYR A 39 4.78 6.80 -1.95
CA TYR A 39 6.13 6.30 -1.73
C TYR A 39 6.41 5.02 -2.51
N ARG A 40 7.68 4.63 -2.56
CA ARG A 40 8.12 3.44 -3.29
C ARG A 40 9.10 2.63 -2.46
N HIS A 41 9.25 1.35 -2.82
CA HIS A 41 10.18 0.44 -2.13
C HIS A 41 11.03 -0.25 -3.18
N ASP A 42 12.28 -0.53 -2.85
CA ASP A 42 13.15 -1.23 -3.79
C ASP A 42 12.78 -2.70 -3.58
N ARG A 43 13.35 -3.58 -4.40
CA ARG A 43 13.06 -5.01 -4.32
C ARG A 43 12.87 -5.58 -2.91
N SER A 44 11.63 -5.92 -2.57
CA SER A 44 11.32 -6.47 -1.25
C SER A 44 9.96 -7.18 -1.19
N VAL A 45 9.80 -8.01 -0.17
CA VAL A 45 8.55 -8.75 0.06
C VAL A 45 7.96 -8.31 1.39
N ILE A 46 6.70 -7.90 1.36
CA ILE A 46 6.01 -7.45 2.56
C ILE A 46 4.86 -8.38 2.92
N ILE A 47 4.88 -8.91 4.13
CA ILE A 47 3.84 -9.81 4.59
C ILE A 47 2.91 -9.10 5.57
N GLY A 48 1.72 -9.68 5.74
CA GLY A 48 0.74 -9.10 6.64
C GLY A 48 1.07 -9.31 8.10
N TYR A 49 0.34 -8.62 8.96
CA TYR A 49 0.57 -8.72 10.40
C TYR A 49 0.52 -10.15 10.91
N PHE A 50 -0.54 -10.89 10.54
CA PHE A 50 -0.70 -12.26 11.00
C PHE A 50 0.05 -13.33 10.20
N GLN A 51 0.88 -12.94 9.24
CA GLN A 51 1.60 -13.93 8.44
C GLN A 51 2.88 -14.50 9.07
N VAL A 52 3.28 -15.66 8.55
CA VAL A 52 4.48 -16.37 9.00
C VAL A 52 5.46 -16.34 7.84
N ALA A 53 6.50 -15.51 7.96
CA ALA A 53 7.49 -15.37 6.89
C ALA A 53 7.73 -16.65 6.07
N GLU A 54 8.09 -17.73 6.75
CA GLU A 54 8.35 -19.01 6.08
C GLU A 54 7.07 -19.78 5.72
N GLU A 55 6.10 -19.07 5.14
CA GLU A 55 4.84 -19.69 4.71
C GLU A 55 4.40 -19.08 3.37
N GLU A 56 5.12 -18.08 2.90
CA GLU A 56 4.79 -17.45 1.63
C GLU A 56 6.04 -17.14 0.81
N VAL A 57 7.19 -17.07 1.47
CA VAL A 57 8.43 -16.79 0.76
C VAL A 57 9.56 -17.74 1.13
N ASP A 58 10.50 -17.89 0.20
CA ASP A 58 11.67 -18.73 0.40
C ASP A 58 12.78 -17.79 0.83
N LEU A 59 12.99 -17.71 2.13
CA LEU A 59 14.03 -16.84 2.69
C LEU A 59 15.34 -16.97 1.92
N ASP A 60 15.53 -18.09 1.23
CA ASP A 60 16.74 -18.29 0.44
C ASP A 60 16.74 -17.53 -0.87
N TYR A 61 15.64 -17.62 -1.61
CA TYR A 61 15.55 -16.91 -2.89
C TYR A 61 15.71 -15.41 -2.69
N MET A 62 15.29 -14.93 -1.52
CA MET A 62 15.38 -13.51 -1.20
C MET A 62 16.78 -13.15 -0.73
N LYS A 63 17.50 -14.13 -0.18
CA LYS A 63 18.86 -13.91 0.29
C LYS A 63 19.78 -13.96 -0.94
N LYS A 64 19.27 -14.58 -2.00
CA LYS A 64 20.01 -14.72 -3.25
C LYS A 64 19.85 -13.51 -4.18
N ASN A 65 18.61 -13.04 -4.31
CA ASN A 65 18.35 -11.89 -5.17
C ASN A 65 18.31 -10.56 -4.44
N GLY A 66 18.66 -10.55 -3.16
CA GLY A 66 18.66 -9.32 -2.41
C GLY A 66 17.30 -8.68 -2.24
N ILE A 67 16.32 -9.48 -1.88
CA ILE A 67 14.95 -9.01 -1.65
C ILE A 67 14.77 -8.77 -0.15
N MET A 68 14.47 -7.53 0.24
CA MET A 68 14.26 -7.22 1.66
C MET A 68 12.98 -7.91 2.17
N LEU A 69 13.03 -8.37 3.42
CA LEU A 69 11.86 -9.00 4.03
C LEU A 69 11.34 -8.05 5.08
N ALA A 70 10.12 -7.54 4.89
CA ALA A 70 9.53 -6.61 5.84
C ALA A 70 8.11 -7.02 6.12
N ARG A 71 7.65 -6.72 7.33
CA ARG A 71 6.29 -7.04 7.76
C ARG A 71 5.55 -5.74 8.10
N ARG A 72 4.31 -5.61 7.65
CA ARG A 72 3.55 -4.39 7.92
C ARG A 72 2.57 -4.47 9.11
N TYR A 73 2.07 -3.32 9.50
CA TYR A 73 1.13 -3.18 10.62
C TYR A 73 -0.24 -3.81 10.32
N THR A 74 -0.65 -3.74 9.06
CA THR A 74 -1.95 -4.28 8.65
C THR A 74 -1.94 -5.73 8.18
N GLY A 75 -3.09 -6.37 8.26
CA GLY A 75 -3.21 -7.75 7.82
C GLY A 75 -3.24 -7.83 6.30
N GLY A 76 -3.67 -8.98 5.79
CA GLY A 76 -3.74 -9.16 4.34
C GLY A 76 -2.67 -10.13 3.87
N GLY A 77 -2.58 -10.34 2.57
CA GLY A 77 -1.60 -11.26 2.05
C GLY A 77 -0.18 -10.73 1.92
N ALA A 78 0.64 -11.48 1.19
CA ALA A 78 2.03 -11.14 0.97
C ALA A 78 2.22 -10.57 -0.42
N VAL A 79 2.89 -9.42 -0.51
CA VAL A 79 3.14 -8.79 -1.81
C VAL A 79 4.60 -8.58 -2.12
N TYR A 80 4.87 -8.36 -3.40
CA TYR A 80 6.22 -8.10 -3.85
C TYR A 80 6.22 -6.69 -4.38
N HIS A 81 7.15 -5.90 -3.89
CA HIS A 81 7.29 -4.51 -4.31
C HIS A 81 8.66 -4.28 -4.95
N ASP A 82 8.70 -3.31 -5.87
CA ASP A 82 9.95 -2.86 -6.48
C ASP A 82 9.60 -1.46 -6.96
N LEU A 83 10.58 -0.69 -7.43
CA LEU A 83 10.30 0.67 -7.86
C LEU A 83 9.22 0.85 -8.91
N GLY A 84 8.80 -0.25 -9.54
CA GLY A 84 7.76 -0.16 -10.55
C GLY A 84 6.40 -0.14 -9.87
N ASP A 85 6.42 -0.33 -8.56
CA ASP A 85 5.21 -0.33 -7.76
C ASP A 85 5.05 1.03 -7.09
N LEU A 86 3.86 1.60 -7.19
CA LEU A 86 3.57 2.90 -6.56
C LEU A 86 2.66 2.69 -5.36
N ASN A 87 3.24 2.77 -4.17
CA ASN A 87 2.47 2.62 -2.95
C ASN A 87 1.93 3.95 -2.46
N PHE A 88 0.75 3.92 -1.85
CA PHE A 88 0.16 5.12 -1.30
C PHE A 88 -0.80 4.81 -0.16
N SER A 89 -0.86 5.70 0.80
CA SER A 89 -1.73 5.48 1.95
C SER A 89 -2.50 6.73 2.36
N VAL A 90 -3.68 6.50 2.92
CA VAL A 90 -4.55 7.57 3.36
C VAL A 90 -4.86 7.43 4.85
N VAL A 91 -4.73 8.54 5.58
CA VAL A 91 -5.03 8.54 7.00
C VAL A 91 -5.98 9.70 7.29
N ARG A 92 -7.16 9.39 7.81
CA ARG A 92 -8.15 10.44 8.12
C ARG A 92 -8.97 10.17 9.38
N SER A 93 -9.79 11.14 9.76
CA SER A 93 -10.62 11.00 10.97
C SER A 93 -11.69 9.95 10.76
N SER A 94 -12.01 9.19 11.81
CA SER A 94 -13.02 8.16 11.71
C SER A 94 -14.08 8.20 12.81
N ASP A 95 -15.35 8.06 12.41
CA ASP A 95 -16.49 8.06 13.33
C ASP A 95 -17.16 6.69 13.48
N ASP A 96 -16.48 5.65 13.05
CA ASP A 96 -17.00 4.30 13.14
C ASP A 96 -15.91 3.28 12.82
N MET A 97 -16.28 2.00 12.88
CA MET A 97 -15.33 0.93 12.62
C MET A 97 -15.64 0.17 11.34
N ASP A 98 -16.44 0.77 10.46
CA ASP A 98 -16.83 0.11 9.20
C ASP A 98 -15.73 -0.03 8.16
N ILE A 99 -15.13 -1.21 8.13
CA ILE A 99 -14.06 -1.53 7.20
C ILE A 99 -14.55 -1.48 5.76
N THR A 100 -15.64 -2.18 5.50
CA THR A 100 -16.20 -2.24 4.15
C THR A 100 -16.34 -0.87 3.48
N SER A 101 -16.80 0.14 4.21
CA SER A 101 -16.96 1.46 3.61
C SER A 101 -15.65 2.14 3.25
N MET A 102 -14.63 1.95 4.08
CA MET A 102 -13.34 2.58 3.82
C MET A 102 -12.83 2.07 2.49
N PHE A 103 -12.75 0.76 2.35
CA PHE A 103 -12.26 0.17 1.10
C PHE A 103 -13.13 0.55 -0.08
N ARG A 104 -14.45 0.65 0.13
CA ARG A 104 -15.35 0.99 -0.97
C ARG A 104 -15.10 2.43 -1.45
N THR A 105 -14.92 3.36 -0.50
CA THR A 105 -14.67 4.75 -0.83
C THR A 105 -13.29 4.93 -1.49
N MET A 106 -12.27 4.29 -0.94
CA MET A 106 -10.92 4.39 -1.47
C MET A 106 -10.82 3.81 -2.88
N ASN A 107 -11.45 2.66 -3.08
CA ASN A 107 -11.44 2.02 -4.39
C ASN A 107 -12.18 2.91 -5.38
N GLU A 108 -13.20 3.61 -4.89
CA GLU A 108 -13.95 4.51 -5.74
C GLU A 108 -13.01 5.63 -6.21
N ALA A 109 -12.23 6.17 -5.29
CA ALA A 109 -11.30 7.24 -5.65
C ALA A 109 -10.26 6.73 -6.66
N VAL A 110 -9.80 5.50 -6.49
CA VAL A 110 -8.81 4.98 -7.41
C VAL A 110 -9.36 4.77 -8.81
N VAL A 111 -10.61 4.32 -8.90
CA VAL A 111 -11.25 4.09 -10.20
C VAL A 111 -11.35 5.42 -10.97
N ASN A 112 -11.79 6.46 -10.29
CA ASN A 112 -11.93 7.79 -10.89
C ASN A 112 -10.56 8.27 -11.35
N SER A 113 -9.53 7.87 -10.61
CA SER A 113 -8.17 8.25 -10.94
C SER A 113 -7.67 7.62 -12.23
N LEU A 114 -7.75 6.30 -12.32
CA LEU A 114 -7.29 5.62 -13.51
C LEU A 114 -8.14 6.00 -14.73
N ARG A 115 -9.37 6.40 -14.51
CA ARG A 115 -10.23 6.79 -15.63
C ARG A 115 -9.56 7.96 -16.34
N ILE A 116 -9.06 8.90 -15.54
CA ILE A 116 -8.37 10.08 -16.04
C ILE A 116 -7.24 9.69 -17.02
N LEU A 117 -6.61 8.54 -16.78
CA LEU A 117 -5.54 8.10 -17.65
C LEU A 117 -6.06 7.24 -18.80
N GLY A 118 -7.37 7.03 -18.81
CA GLY A 118 -7.99 6.24 -19.87
C GLY A 118 -8.00 4.74 -19.56
N LEU A 119 -7.74 4.40 -18.30
CA LEU A 119 -7.72 3.01 -17.88
C LEU A 119 -8.98 2.71 -17.08
N ASP A 120 -9.82 1.82 -17.59
CA ASP A 120 -11.07 1.48 -16.91
C ASP A 120 -10.88 0.28 -16.00
N ALA A 121 -10.84 0.54 -14.70
CA ALA A 121 -10.64 -0.53 -13.74
C ALA A 121 -11.88 -0.69 -12.87
N ARG A 122 -11.86 -1.72 -12.02
CA ARG A 122 -12.98 -2.00 -11.14
C ARG A 122 -12.49 -2.73 -9.90
N PRO A 123 -13.26 -2.65 -8.80
CA PRO A 123 -12.85 -3.34 -7.58
C PRO A 123 -13.19 -4.83 -7.68
N GLY A 124 -12.51 -5.63 -6.87
CA GLY A 124 -12.77 -7.06 -6.87
C GLY A 124 -14.12 -7.28 -6.24
N GLU A 125 -14.65 -8.49 -6.35
CA GLU A 125 -15.97 -8.79 -5.82
C GLU A 125 -15.99 -9.66 -4.58
N LEU A 126 -15.15 -10.67 -4.55
CA LEU A 126 -15.09 -11.61 -3.44
C LEU A 126 -14.68 -11.06 -2.07
N ASN A 127 -15.22 -11.69 -1.03
CA ASN A 127 -14.93 -11.34 0.36
C ASN A 127 -14.11 -12.51 0.93
N ASP A 128 -12.86 -12.61 0.52
CA ASP A 128 -12.00 -13.69 0.99
C ASP A 128 -10.57 -13.22 0.95
N VAL A 129 -10.03 -12.97 2.13
CA VAL A 129 -8.67 -12.51 2.32
C VAL A 129 -7.64 -13.51 1.80
N SER A 130 -7.98 -14.79 1.80
CA SER A 130 -7.06 -15.80 1.36
C SER A 130 -6.82 -15.85 -0.15
N ILE A 131 -7.85 -15.61 -0.95
CA ILE A 131 -7.67 -15.67 -2.40
C ILE A 131 -6.77 -14.53 -2.87
N PRO A 132 -5.85 -14.81 -3.81
CA PRO A 132 -4.91 -13.81 -4.35
C PRO A 132 -5.49 -12.63 -5.13
N VAL A 133 -6.45 -12.89 -5.98
CA VAL A 133 -7.03 -11.81 -6.79
C VAL A 133 -8.56 -11.75 -6.72
N ASN A 134 -9.10 -10.64 -7.20
CA ASN A 134 -10.55 -10.40 -7.24
C ASN A 134 -11.20 -10.16 -5.87
N LYS A 135 -10.39 -9.75 -4.90
CA LYS A 135 -10.91 -9.46 -3.57
C LYS A 135 -11.51 -8.07 -3.62
N LYS A 136 -12.43 -7.77 -2.73
CA LYS A 136 -13.04 -6.45 -2.71
C LYS A 136 -12.01 -5.39 -2.35
N THR A 137 -10.85 -5.83 -1.90
CA THR A 137 -9.77 -4.91 -1.53
C THR A 137 -8.82 -4.71 -2.71
N ASP A 138 -9.06 -5.44 -3.79
CA ASP A 138 -8.22 -5.31 -4.98
C ASP A 138 -8.91 -4.45 -6.04
N ILE A 139 -8.10 -3.98 -6.99
CA ILE A 139 -8.60 -3.20 -8.12
C ILE A 139 -8.18 -4.01 -9.33
N MET A 140 -9.15 -4.31 -10.20
CA MET A 140 -8.88 -5.11 -11.38
C MET A 140 -8.97 -4.29 -12.66
N ALA A 141 -8.17 -4.67 -13.64
CA ALA A 141 -8.18 -4.04 -14.96
C ALA A 141 -8.57 -5.23 -15.81
N GLY A 142 -9.86 -5.35 -16.11
CA GLY A 142 -10.30 -6.48 -16.87
C GLY A 142 -10.34 -7.68 -15.94
N GLU A 143 -9.44 -8.64 -16.15
CA GLU A 143 -9.41 -9.82 -15.31
C GLU A 143 -8.09 -9.93 -14.55
N LYS A 144 -7.19 -8.98 -14.79
CA LYS A 144 -5.89 -8.98 -14.12
C LYS A 144 -5.94 -8.05 -12.91
N LYS A 145 -5.09 -8.31 -11.91
CA LYS A 145 -5.04 -7.48 -10.71
C LYS A 145 -3.92 -6.47 -10.88
N ILE A 146 -4.22 -5.19 -10.64
CA ILE A 146 -3.22 -4.13 -10.78
C ILE A 146 -2.94 -3.41 -9.46
N MET A 147 -3.75 -3.67 -8.45
CA MET A 147 -3.56 -3.02 -7.16
C MET A 147 -4.13 -3.83 -6.01
N GLY A 148 -3.39 -3.86 -4.91
CA GLY A 148 -3.83 -4.55 -3.72
C GLY A 148 -3.85 -3.55 -2.58
N ALA A 149 -4.63 -3.85 -1.54
CA ALA A 149 -4.74 -2.93 -0.42
C ALA A 149 -5.09 -3.59 0.91
N ALA A 150 -4.75 -2.90 2.00
CA ALA A 150 -5.02 -3.36 3.35
C ALA A 150 -5.29 -2.12 4.22
N GLY A 151 -5.79 -2.32 5.43
CA GLY A 151 -6.07 -1.18 6.28
C GLY A 151 -6.37 -1.52 7.73
N ALA A 152 -6.42 -0.50 8.56
CA ALA A 152 -6.67 -0.69 9.99
C ALA A 152 -7.47 0.48 10.52
N MET A 153 -8.24 0.22 11.57
CA MET A 153 -9.08 1.26 12.15
C MET A 153 -9.07 1.25 13.67
N ARG A 154 -9.04 2.46 14.25
CA ARG A 154 -9.06 2.63 15.70
C ARG A 154 -9.97 3.83 16.02
N LYS A 155 -10.35 3.96 17.28
CA LYS A 155 -11.21 5.05 17.73
C LYS A 155 -10.66 6.39 17.28
N GLY A 156 -11.42 7.08 16.43
CA GLY A 156 -11.01 8.39 15.94
C GLY A 156 -10.13 8.41 14.69
N ALA A 157 -9.73 7.25 14.19
CA ALA A 157 -8.86 7.23 13.02
C ALA A 157 -8.83 5.92 12.24
N LYS A 158 -8.53 6.04 10.94
CA LYS A 158 -8.46 4.87 10.07
C LYS A 158 -7.31 4.97 9.08
N LEU A 159 -6.71 3.83 8.75
CA LEU A 159 -5.60 3.79 7.82
C LEU A 159 -5.92 2.89 6.63
N TRP A 160 -5.54 3.34 5.44
CA TRP A 160 -5.75 2.60 4.21
C TRP A 160 -4.50 2.80 3.35
N HIS A 161 -3.87 1.71 2.93
CA HIS A 161 -2.69 1.82 2.09
C HIS A 161 -2.76 0.82 0.94
N ALA A 162 -2.27 1.24 -0.22
CA ALA A 162 -2.32 0.41 -1.40
C ALA A 162 -1.00 0.26 -2.14
N ALA A 163 -0.97 -0.75 -3.00
CA ALA A 163 0.18 -1.05 -3.82
C ALA A 163 -0.31 -1.26 -5.25
N MET A 164 0.04 -0.35 -6.14
CA MET A 164 -0.36 -0.45 -7.53
C MET A 164 0.84 -0.77 -8.40
N LEU A 165 0.62 -1.68 -9.33
CA LEU A 165 1.64 -2.15 -10.24
C LEU A 165 1.65 -1.29 -11.50
N VAL A 166 2.62 -0.38 -11.59
CA VAL A 166 2.76 0.50 -12.74
C VAL A 166 3.68 -0.17 -13.75
N HIS A 167 4.92 -0.47 -13.35
CA HIS A 167 5.84 -1.17 -14.23
C HIS A 167 6.75 -2.13 -13.46
N THR A 168 6.13 -2.86 -12.55
CA THR A 168 6.80 -3.84 -11.71
C THR A 168 7.15 -5.10 -12.51
N ASP A 169 8.14 -5.84 -12.03
CA ASP A 169 8.58 -7.07 -12.67
C ASP A 169 7.61 -8.20 -12.32
N LEU A 170 6.54 -8.34 -13.10
CA LEU A 170 5.52 -9.36 -12.85
C LEU A 170 6.07 -10.77 -12.70
N ASP A 171 7.15 -11.09 -13.41
CA ASP A 171 7.73 -12.43 -13.31
C ASP A 171 8.29 -12.58 -11.90
N MET A 172 9.24 -11.71 -11.57
CA MET A 172 9.86 -11.72 -10.26
C MET A 172 8.81 -11.79 -9.17
N LEU A 173 7.80 -10.93 -9.25
CA LEU A 173 6.76 -10.95 -8.22
C LEU A 173 6.25 -12.38 -8.09
N SER A 174 5.84 -12.97 -9.20
CA SER A 174 5.33 -14.33 -9.18
C SER A 174 6.32 -15.32 -8.53
N ALA A 175 7.57 -15.29 -8.97
CA ALA A 175 8.61 -16.18 -8.46
C ALA A 175 8.82 -16.13 -6.95
N VAL A 176 8.86 -14.93 -6.38
CA VAL A 176 9.09 -14.78 -4.93
C VAL A 176 7.92 -15.18 -4.03
N LEU A 177 6.67 -14.98 -4.48
CA LEU A 177 5.50 -15.31 -3.67
C LEU A 177 4.89 -16.69 -3.93
N LYS A 178 4.72 -17.47 -2.86
CA LYS A 178 4.13 -18.81 -2.95
C LYS A 178 2.61 -18.72 -2.82
N VAL A 179 1.88 -19.43 -3.69
CA VAL A 179 0.42 -19.42 -3.63
C VAL A 179 -0.14 -20.75 -4.16
N PRO A 180 -0.09 -20.91 -5.48
CA PRO A 180 -0.58 -22.13 -6.14
C PRO A 180 -2.03 -22.43 -5.78
N SER A 191 -2.22 -19.22 -14.12
CA SER A 191 -1.13 -19.00 -13.16
C SER A 191 -1.25 -17.61 -12.52
N THR A 192 -0.42 -17.37 -11.51
CA THR A 192 -0.41 -16.09 -10.82
C THR A 192 -0.04 -15.02 -11.85
N ARG A 193 1.10 -15.23 -12.51
CA ARG A 193 1.59 -14.34 -13.55
C ARG A 193 0.44 -13.89 -14.43
N GLU A 194 -0.40 -14.85 -14.79
CA GLU A 194 -1.55 -14.62 -15.65
C GLU A 194 -2.69 -13.92 -14.97
N ARG A 195 -2.55 -13.68 -13.66
CA ARG A 195 -3.61 -13.02 -12.92
C ARG A 195 -3.35 -11.57 -12.55
N VAL A 196 -2.15 -11.08 -12.83
CA VAL A 196 -1.79 -9.70 -12.52
C VAL A 196 -1.34 -8.95 -13.77
N ALA A 197 -1.19 -7.64 -13.64
CA ALA A 197 -0.76 -6.82 -14.78
C ALA A 197 -0.30 -5.45 -14.30
N ASN A 198 0.48 -4.77 -15.14
CA ASN A 198 0.98 -3.43 -14.84
C ASN A 198 0.09 -2.38 -15.49
N VAL A 199 0.01 -1.21 -14.88
CA VAL A 199 -0.78 -0.14 -15.43
C VAL A 199 -0.29 0.15 -16.85
N THR A 200 1.02 -0.01 -17.07
CA THR A 200 1.62 0.27 -18.36
C THR A 200 1.37 -0.79 -19.43
N ASP A 201 0.66 -1.85 -19.08
CA ASP A 201 0.31 -2.87 -20.05
C ASP A 201 -0.84 -2.27 -20.85
N PHE A 202 -1.52 -1.32 -20.21
CA PHE A 202 -2.68 -0.67 -20.80
C PHE A 202 -2.37 0.70 -21.37
N VAL A 203 -1.69 1.52 -20.58
CA VAL A 203 -1.34 2.88 -21.00
C VAL A 203 0.13 3.21 -20.70
N ASP A 204 0.80 3.85 -21.65
CA ASP A 204 2.20 4.21 -21.44
C ASP A 204 2.27 5.49 -20.63
N VAL A 205 2.38 5.35 -19.30
CA VAL A 205 2.46 6.50 -18.41
C VAL A 205 3.52 6.27 -17.34
N SER A 206 4.09 7.36 -16.85
CA SER A 206 5.13 7.31 -15.83
C SER A 206 4.55 7.20 -14.42
N ILE A 207 5.44 7.02 -13.46
CA ILE A 207 5.04 6.93 -12.06
C ILE A 207 4.34 8.23 -11.61
N ASP A 208 4.92 9.38 -11.96
CA ASP A 208 4.33 10.65 -11.55
C ASP A 208 2.95 10.87 -12.13
N GLU A 209 2.77 10.47 -13.39
CA GLU A 209 1.48 10.63 -14.04
C GLU A 209 0.43 9.86 -13.26
N VAL A 210 0.77 8.64 -12.84
CA VAL A 210 -0.18 7.85 -12.08
C VAL A 210 -0.37 8.53 -10.71
N ARG A 211 0.72 9.09 -10.18
CA ARG A 211 0.65 9.78 -8.90
C ARG A 211 -0.23 11.01 -9.01
N ASN A 212 -0.02 11.83 -10.03
CA ASN A 212 -0.83 13.03 -10.19
C ASN A 212 -2.29 12.71 -10.47
N ALA A 213 -2.53 11.57 -11.11
CA ALA A 213 -3.87 11.11 -11.43
C ALA A 213 -4.59 10.76 -10.14
N LEU A 214 -3.92 10.00 -9.29
CA LEU A 214 -4.48 9.61 -8.00
C LEU A 214 -4.71 10.86 -7.12
N ILE A 215 -3.80 11.82 -7.17
CA ILE A 215 -3.97 13.04 -6.39
C ILE A 215 -5.32 13.68 -6.75
N ARG A 216 -5.57 13.88 -8.04
CA ARG A 216 -6.84 14.47 -8.44
C ARG A 216 -8.02 13.58 -8.03
N GLY A 217 -7.89 12.29 -8.32
CA GLY A 217 -8.93 11.35 -8.00
C GLY A 217 -9.37 11.38 -6.55
N PHE A 218 -8.41 11.23 -5.64
CA PHE A 218 -8.74 11.26 -4.22
C PHE A 218 -9.26 12.62 -3.80
N SER A 219 -8.70 13.68 -4.38
CA SER A 219 -9.15 15.02 -4.04
C SER A 219 -10.60 15.23 -4.47
N GLU A 220 -10.90 14.90 -5.73
CA GLU A 220 -12.25 15.04 -6.29
C GLU A 220 -13.29 14.14 -5.64
N THR A 221 -12.90 12.88 -5.39
CA THR A 221 -13.81 11.92 -4.78
C THR A 221 -14.08 12.20 -3.32
N LEU A 222 -13.02 12.46 -2.56
CA LEU A 222 -13.12 12.75 -1.13
C LEU A 222 -13.42 14.21 -0.82
N HIS A 223 -13.30 15.08 -1.83
CA HIS A 223 -13.54 16.51 -1.64
C HIS A 223 -12.53 17.05 -0.63
N ILE A 224 -11.26 16.76 -0.87
CA ILE A 224 -10.17 17.19 0.00
C ILE A 224 -9.06 17.83 -0.82
N ASP A 225 -8.72 19.07 -0.48
CA ASP A 225 -7.66 19.76 -1.20
C ASP A 225 -6.29 19.43 -0.60
N PHE A 226 -5.66 18.40 -1.13
CA PHE A 226 -4.34 17.97 -0.67
C PHE A 226 -3.25 18.90 -1.18
N ARG A 227 -2.49 19.47 -0.25
CA ARG A 227 -1.41 20.38 -0.64
C ARG A 227 -0.10 19.77 -0.17
N GLU A 228 0.89 19.75 -1.05
CA GLU A 228 2.20 19.19 -0.73
C GLU A 228 2.67 19.73 0.62
N ASP A 229 3.08 18.83 1.50
CA ASP A 229 3.53 19.21 2.83
C ASP A 229 4.62 18.24 3.23
N THR A 230 5.24 18.46 4.39
CA THR A 230 6.29 17.56 4.83
C THR A 230 5.85 16.91 6.13
N ILE A 231 6.58 15.88 6.53
CA ILE A 231 6.28 15.17 7.76
C ILE A 231 6.68 16.09 8.92
N THR A 232 6.08 15.89 10.08
CA THR A 232 6.41 16.74 11.21
C THR A 232 7.45 16.09 12.13
N GLU A 233 8.08 16.90 12.96
CA GLU A 233 9.08 16.40 13.89
C GLU A 233 8.46 15.33 14.79
N LYS A 234 7.23 15.59 15.22
CA LYS A 234 6.54 14.65 16.09
C LYS A 234 6.40 13.32 15.36
N GLU A 235 5.94 13.39 14.11
CA GLU A 235 5.76 12.19 13.29
C GLU A 235 7.06 11.50 12.94
N GLU A 236 8.08 12.29 12.61
CA GLU A 236 9.38 11.73 12.26
C GLU A 236 9.99 11.02 13.46
N SER A 237 9.80 11.60 14.65
CA SER A 237 10.33 11.01 15.88
C SER A 237 9.69 9.66 16.16
N LEU A 238 8.36 9.64 16.12
CA LEU A 238 7.63 8.41 16.37
C LEU A 238 8.05 7.32 15.38
N ALA A 239 8.32 7.72 14.14
CA ALA A 239 8.74 6.78 13.10
C ALA A 239 10.12 6.20 13.43
N ARG A 240 11.05 7.07 13.81
CA ARG A 240 12.38 6.59 14.18
C ARG A 240 12.15 5.62 15.35
N GLU A 241 11.24 6.00 16.23
CA GLU A 241 10.91 5.19 17.40
C GLU A 241 10.44 3.80 16.97
N LEU A 242 9.40 3.76 16.15
CA LEU A 242 8.84 2.52 15.67
C LEU A 242 9.88 1.69 14.94
N PHE A 243 10.74 2.38 14.19
CA PHE A 243 11.80 1.69 13.46
C PHE A 243 12.79 1.02 14.42
N ASP A 244 13.48 1.84 15.22
CA ASP A 244 14.48 1.36 16.17
C ASP A 244 14.01 0.22 17.07
N LYS A 245 12.78 0.28 17.54
CA LYS A 245 12.26 -0.73 18.44
C LYS A 245 11.36 -1.83 17.89
N LYS A 246 11.09 -1.82 16.59
CA LYS A 246 10.23 -2.86 16.03
C LYS A 246 10.55 -3.25 14.59
N TYR A 247 10.26 -2.35 13.66
CA TYR A 247 10.47 -2.62 12.25
C TYR A 247 11.88 -3.02 11.86
N SER A 248 12.89 -2.63 12.64
CA SER A 248 14.27 -2.98 12.31
C SER A 248 14.71 -4.24 13.03
N THR A 249 13.76 -4.94 13.65
CA THR A 249 14.07 -6.15 14.40
C THR A 249 13.60 -7.44 13.72
N GLU A 250 14.25 -8.54 14.04
CA GLU A 250 13.89 -9.82 13.45
C GLU A 250 12.61 -10.39 14.03
N GLU A 251 12.44 -10.31 15.35
CA GLU A 251 11.24 -10.85 15.95
C GLU A 251 9.98 -10.25 15.31
N TRP A 252 10.08 -9.01 14.81
CA TRP A 252 8.91 -8.41 14.19
C TRP A 252 8.75 -8.84 12.73
N ASN A 253 9.84 -8.78 11.97
CA ASN A 253 9.77 -9.13 10.56
C ASN A 253 9.53 -10.60 10.29
N MET A 254 9.95 -11.47 11.21
CA MET A 254 9.72 -12.90 11.06
C MET A 254 8.29 -13.23 11.44
N GLY A 255 7.79 -12.59 12.50
CA GLY A 255 6.42 -12.80 12.95
C GLY A 255 6.27 -13.22 14.40
N LEU A 256 7.33 -13.06 15.18
CA LEU A 256 7.31 -13.44 16.59
C LEU A 256 6.85 -12.34 17.55
N LEU A 257 7.22 -11.09 17.28
CA LEU A 257 6.84 -9.97 18.14
C LEU A 257 5.32 -9.78 18.22
MG MG B . -6.02 -6.23 -1.64
PG ATP C . -1.05 -5.79 0.13
O1G ATP C . -2.32 -5.31 0.83
O2G ATP C . -0.93 -6.02 -1.40
O3G ATP C . -0.01 -6.53 1.03
PB ATP C . -3.31 -7.47 -0.76
O1B ATP C . -3.31 -7.04 -2.21
O2B ATP C . -4.28 -6.66 0.06
O3B ATP C . -1.82 -7.31 -0.05
PA ATP C . -3.32 -10.42 -1.12
O1A ATP C . -3.48 -11.46 -0.05
O2A ATP C . -4.05 -10.77 -2.38
O3A ATP C . -3.80 -8.98 -0.56
O5' ATP C . -1.77 -10.36 -1.44
C5' ATP C . -1.34 -9.51 -2.52
C4' ATP C . -1.36 -10.29 -3.85
O4' ATP C . -1.27 -9.29 -4.90
C3' ATP C . -0.17 -11.24 -4.12
O3' ATP C . -0.39 -12.57 -3.61
C2' ATP C . -0.02 -11.15 -5.62
O2' ATP C . -0.88 -12.06 -6.33
C1' ATP C . -0.42 -9.71 -5.97
N9 ATP C . 0.68 -8.73 -5.88
C8 ATP C . 2.04 -8.94 -5.72
N7 ATP C . 2.75 -7.84 -5.65
C5 ATP C . 1.79 -6.83 -5.77
C6 ATP C . 1.89 -5.41 -5.76
N6 ATP C . 3.07 -4.78 -5.61
N1 ATP C . 0.72 -4.68 -5.91
C2 ATP C . -0.46 -5.33 -6.05
N3 ATP C . -0.66 -6.65 -6.06
C4 ATP C . 0.51 -7.36 -5.92
#